data_4YCI
#
_entry.id   4YCI
#
_cell.length_a   120.280
_cell.length_b   120.280
_cell.length_c   221.310
_cell.angle_alpha   90.000
_cell.angle_beta   90.000
_cell.angle_gamma   120.000
#
_symmetry.space_group_name_H-M   'P 32 2 1'
#
loop_
_entity.id
_entity.type
_entity.pdbx_description
1 polymer 'Bone Morphogenetic Protein 9 Growth Factor Domain'
2 polymer 'Bone Morphogenetic Protein 9 Prodomain'
3 branched 2-acetamido-2-deoxy-beta-D-glucopyranose-(1-4)-2-acetamido-2-deoxy-beta-D-glucopyranose
4 non-polymer 2-acetamido-2-deoxy-beta-D-glucopyranose
5 non-polymer 'ZINC ION'
6 water water
#
loop_
_entity_poly.entity_id
_entity_poly.type
_entity_poly.pdbx_seq_one_letter_code
_entity_poly.pdbx_strand_id
1 'polypeptide(L)'
;KPLQNWEQASPGENAHSSLGLSGAGEEGVFDLQMFLENMKVDFLRSLNLSGIPSQDKTRAEPPQYMIDLYNRYTTDKSST
PASNIVRSFSVEDAISTAATEDFPFQKHILIFNISIPRHEQITRAELRLYVSCQNDVDSTHGLEGSMVVYDVLEDSETWD
QATGTKTFLVSQDIRDEGWETLEVSSAVKRWVRADSTTNKNKLEVTVQSHRESCDTLDISVPPGSKNLPFFVVFSNDRSN
GTKETRLELKEMIGHEQETMLVKTAKNAYQVAGESQEEEGLDGYTAVGPLLARRKR
;
A,B
2 'polypeptide(L)'
;SAGAGSHCQKTSLRVNFEDIGWDSWIIAPKEYEAYECKGGCFFPLADDVTPTKHAIVQTLVHLKFPTKVGKACCVPTKLS
PISVLYKDDMGVPTLKYHYEGMSVAECGCR
;
C,D
#
loop_
_chem_comp.id
_chem_comp.type
_chem_comp.name
_chem_comp.formula
NAG D-saccharide, beta linking 2-acetamido-2-deoxy-beta-D-glucopyranose 'C8 H15 N O6'
ZN non-polymer 'ZINC ION' 'Zn 2'
#
# COMPACT_ATOMS: atom_id res chain seq x y z
N ALA A 60 26.30 -28.84 8.27
CA ALA A 60 26.03 -29.51 7.01
C ALA A 60 25.69 -28.50 5.91
N GLU A 61 25.29 -29.01 4.75
CA GLU A 61 24.95 -28.16 3.62
C GLU A 61 23.64 -28.58 2.98
N PRO A 62 22.92 -27.64 2.35
CA PRO A 62 21.67 -27.94 1.65
C PRO A 62 21.90 -28.74 0.37
N PRO A 63 20.96 -29.65 0.05
CA PRO A 63 21.03 -30.48 -1.17
C PRO A 63 21.18 -29.65 -2.43
N GLN A 64 21.83 -30.20 -3.44
CA GLN A 64 22.05 -29.51 -4.70
C GLN A 64 20.74 -29.27 -5.44
N TYR A 65 19.71 -30.06 -5.09
CA TYR A 65 18.39 -29.89 -5.67
C TYR A 65 17.88 -28.47 -5.40
N MET A 66 18.10 -27.99 -4.17
CA MET A 66 17.77 -26.62 -3.82
C MET A 66 18.62 -25.64 -4.62
N ILE A 67 19.89 -25.98 -4.78
CA ILE A 67 20.82 -25.15 -5.54
C ILE A 67 20.45 -25.15 -7.02
N ASP A 68 20.08 -26.32 -7.53
CA ASP A 68 19.64 -26.44 -8.92
C ASP A 68 18.38 -25.64 -9.16
N LEU A 69 17.49 -25.63 -8.18
CA LEU A 69 16.26 -24.83 -8.26
C LEU A 69 16.62 -23.35 -8.30
N TYR A 70 17.61 -22.96 -7.49
CA TYR A 70 18.09 -21.59 -7.49
C TYR A 70 18.69 -21.24 -8.84
N ASN A 71 19.54 -22.11 -9.36
CA ASN A 71 20.17 -21.92 -10.66
C ASN A 71 19.12 -21.88 -11.76
N ARG A 72 18.08 -22.68 -11.61
CA ARG A 72 16.97 -22.68 -12.56
C ARG A 72 16.25 -21.33 -12.52
N TYR A 73 16.02 -20.83 -11.32
CA TYR A 73 15.31 -19.57 -11.14
C TYR A 73 16.16 -18.38 -11.60
N THR A 74 17.47 -18.49 -11.45
CA THR A 74 18.39 -17.41 -11.79
C THR A 74 18.81 -17.43 -13.25
N THR A 75 18.71 -18.58 -13.90
CA THR A 75 18.94 -18.67 -15.33
C THR A 75 17.81 -17.94 -16.04
N ASP A 76 18.07 -17.47 -17.25
CA ASP A 76 17.08 -16.68 -17.97
C ASP A 76 15.91 -17.52 -18.46
N LYS A 77 15.12 -18.01 -17.52
CA LYS A 77 13.93 -18.79 -17.84
C LYS A 77 12.78 -17.86 -18.24
N SER A 78 12.01 -18.27 -19.23
CA SER A 78 10.86 -17.50 -19.68
C SER A 78 9.68 -17.68 -18.74
N SER A 79 9.77 -18.66 -17.86
CA SER A 79 8.69 -18.99 -16.94
C SER A 79 9.09 -18.82 -15.47
N THR A 80 8.43 -17.87 -14.80
CA THR A 80 8.64 -17.64 -13.38
C THR A 80 7.96 -18.76 -12.59
N PRO A 81 8.57 -19.20 -11.48
CA PRO A 81 8.03 -20.32 -10.71
C PRO A 81 6.65 -20.06 -10.10
N ALA A 82 5.91 -21.14 -9.89
CA ALA A 82 4.57 -21.07 -9.30
C ALA A 82 4.63 -20.76 -7.81
N SER A 83 5.74 -21.12 -7.17
CA SER A 83 5.90 -20.92 -5.74
C SER A 83 7.14 -20.09 -5.41
N ASN A 84 6.95 -19.05 -4.62
CA ASN A 84 8.03 -18.14 -4.25
C ASN A 84 8.92 -18.75 -3.17
N ILE A 85 8.32 -19.45 -2.22
CA ILE A 85 9.05 -20.01 -1.10
C ILE A 85 9.22 -21.52 -1.23
N VAL A 86 10.46 -21.98 -1.19
CA VAL A 86 10.76 -23.41 -1.26
C VAL A 86 11.66 -23.81 -0.10
N ARG A 87 11.29 -24.88 0.60
CA ARG A 87 12.08 -25.37 1.73
C ARG A 87 12.42 -26.85 1.61
N SER A 88 13.56 -27.24 2.17
CA SER A 88 13.99 -28.63 2.16
C SER A 88 14.06 -29.20 3.57
N PHE A 89 13.33 -30.29 3.80
CA PHE A 89 13.31 -30.94 5.11
C PHE A 89 13.79 -32.38 5.03
N SER A 90 14.98 -32.64 5.56
CA SER A 90 15.54 -33.99 5.58
C SER A 90 14.84 -34.84 6.64
N VAL A 91 14.91 -36.15 6.47
CA VAL A 91 14.28 -37.10 7.40
C VAL A 91 14.97 -37.04 8.77
N GLU A 92 14.18 -37.07 9.82
CA GLU A 92 14.71 -37.04 11.19
C GLU A 92 15.02 -38.43 11.71
N ASP A 93 14.08 -39.36 11.51
CA ASP A 93 14.28 -40.74 11.93
C ASP A 93 13.52 -41.69 11.02
N ALA A 94 13.98 -42.94 10.96
CA ALA A 94 13.38 -43.93 10.07
C ALA A 94 13.31 -45.31 10.73
N ILE A 95 12.15 -45.94 10.62
CA ILE A 95 11.96 -47.29 11.16
C ILE A 95 11.76 -48.26 10.01
N SER A 96 12.74 -49.14 9.80
CA SER A 96 12.73 -50.03 8.65
C SER A 96 12.49 -51.48 9.05
N THR A 97 11.58 -52.14 8.33
CA THR A 97 11.30 -53.54 8.54
C THR A 97 11.45 -54.32 7.23
N ALA A 98 12.26 -55.37 7.27
CA ALA A 98 12.52 -56.17 6.08
C ALA A 98 11.28 -56.93 5.65
N ALA A 99 11.29 -57.46 4.43
CA ALA A 99 10.16 -58.20 3.90
C ALA A 99 9.95 -59.51 4.66
N THR A 100 8.69 -59.89 4.85
CA THR A 100 8.34 -61.13 5.51
C THR A 100 7.42 -61.97 4.63
N GLU A 101 7.15 -63.19 5.05
CA GLU A 101 6.25 -64.06 4.29
C GLU A 101 4.82 -63.51 4.30
N ASP A 102 4.41 -62.95 5.43
CA ASP A 102 3.09 -62.37 5.57
C ASP A 102 2.98 -61.06 4.79
N PHE A 103 4.08 -60.31 4.76
CA PHE A 103 4.12 -59.02 4.06
C PHE A 103 5.39 -58.90 3.20
N PRO A 104 5.33 -59.40 1.96
CA PRO A 104 6.49 -59.46 1.06
C PRO A 104 6.88 -58.12 0.44
N PHE A 105 7.31 -57.18 1.28
CA PHE A 105 7.78 -55.88 0.80
C PHE A 105 8.57 -55.15 1.87
N GLN A 106 9.38 -54.19 1.46
CA GLN A 106 10.16 -53.39 2.40
C GLN A 106 9.26 -52.32 3.03
N LYS A 107 9.33 -52.20 4.35
CA LYS A 107 8.51 -51.23 5.06
C LYS A 107 9.38 -50.13 5.68
N HIS A 108 9.03 -48.88 5.42
CA HIS A 108 9.77 -47.76 5.96
C HIS A 108 8.84 -46.68 6.52
N ILE A 109 8.96 -46.43 7.82
CA ILE A 109 8.23 -45.32 8.44
C ILE A 109 9.17 -44.13 8.57
N LEU A 110 8.89 -43.08 7.82
CA LEU A 110 9.75 -41.90 7.77
C LEU A 110 9.19 -40.76 8.61
N ILE A 111 9.99 -40.29 9.56
CA ILE A 111 9.57 -39.20 10.43
C ILE A 111 10.28 -37.91 10.00
N PHE A 112 9.50 -36.86 9.79
CA PHE A 112 10.07 -35.57 9.41
C PHE A 112 9.76 -34.52 10.46
N ASN A 113 10.36 -33.34 10.29
CA ASN A 113 10.13 -32.23 11.20
C ASN A 113 9.74 -30.96 10.43
N ILE A 114 8.74 -31.11 9.55
CA ILE A 114 8.27 -30.02 8.72
C ILE A 114 7.49 -28.99 9.53
N SER A 115 7.92 -27.73 9.45
CA SER A 115 7.25 -26.65 10.15
C SER A 115 7.13 -25.41 9.27
N ILE A 116 5.95 -25.22 8.68
CA ILE A 116 5.69 -24.10 7.79
C ILE A 116 4.85 -23.06 8.53
N PRO A 117 5.26 -21.78 8.47
CA PRO A 117 4.49 -20.70 9.11
C PRO A 117 3.03 -20.67 8.70
N ARG A 118 2.15 -20.34 9.64
CA ARG A 118 0.71 -20.35 9.38
C ARG A 118 0.31 -19.24 8.41
N HIS A 119 1.16 -18.23 8.27
CA HIS A 119 0.88 -17.15 7.33
C HIS A 119 1.25 -17.55 5.90
N GLU A 120 1.77 -18.76 5.73
CA GLU A 120 2.16 -19.23 4.40
C GLU A 120 1.13 -20.22 3.84
N GLN A 121 0.82 -20.08 2.55
CA GLN A 121 -0.07 -21.01 1.86
C GLN A 121 0.74 -21.90 0.92
N ILE A 122 0.89 -23.17 1.30
CA ILE A 122 1.73 -24.09 0.53
C ILE A 122 1.01 -24.55 -0.74
N THR A 123 1.78 -24.69 -1.81
CA THR A 123 1.23 -25.04 -3.13
C THR A 123 1.47 -26.50 -3.46
N ARG A 124 2.69 -26.98 -3.19
CA ARG A 124 3.11 -28.30 -3.63
C ARG A 124 4.20 -28.85 -2.72
N ALA A 125 4.18 -30.16 -2.49
CA ALA A 125 5.21 -30.81 -1.70
C ALA A 125 5.71 -32.07 -2.40
N GLU A 126 7.03 -32.26 -2.41
CA GLU A 126 7.64 -33.41 -3.07
C GLU A 126 8.45 -34.26 -2.10
N LEU A 127 8.24 -35.57 -2.15
CA LEU A 127 9.06 -36.49 -1.38
C LEU A 127 10.03 -37.21 -2.30
N ARG A 128 11.32 -36.88 -2.16
CA ARG A 128 12.34 -37.45 -3.03
C ARG A 128 13.05 -38.62 -2.37
N LEU A 129 12.99 -39.77 -3.02
CA LEU A 129 13.59 -40.99 -2.50
C LEU A 129 14.64 -41.52 -3.46
N TYR A 130 15.65 -42.21 -2.93
CA TYR A 130 16.67 -42.80 -3.78
C TYR A 130 16.46 -44.29 -3.94
N VAL A 131 15.87 -44.69 -5.06
CA VAL A 131 15.61 -46.09 -5.35
C VAL A 131 16.86 -46.76 -5.91
N SER A 132 17.29 -47.83 -5.26
CA SER A 132 18.50 -48.53 -5.65
C SER A 132 18.53 -49.96 -5.14
N CYS A 133 18.96 -50.88 -5.99
CA CYS A 133 19.20 -52.25 -5.54
C CYS A 133 20.42 -52.23 -4.62
N GLN A 134 20.16 -52.45 -3.34
CA GLN A 134 21.12 -52.20 -2.28
C GLN A 134 22.37 -53.08 -2.28
N ASN A 135 23.25 -52.87 -3.26
CA ASN A 135 24.54 -53.55 -3.32
C ASN A 135 24.38 -55.05 -3.16
N ASP A 136 23.58 -55.63 -4.04
CA ASP A 136 23.20 -57.04 -3.96
C ASP A 136 23.94 -57.87 -5.00
N VAL A 137 24.08 -59.16 -4.74
CA VAL A 137 24.65 -60.07 -5.71
C VAL A 137 23.56 -60.33 -6.75
N ASP A 138 23.97 -60.60 -7.98
CA ASP A 138 23.03 -60.75 -9.10
C ASP A 138 22.19 -59.48 -9.23
N SER A 139 22.82 -58.33 -9.10
CA SER A 139 22.12 -57.06 -9.22
C SER A 139 22.02 -56.65 -10.68
N THR A 140 22.68 -57.43 -11.54
CA THR A 140 22.61 -57.20 -12.97
C THR A 140 21.49 -58.06 -13.56
N HIS A 141 20.60 -58.55 -12.70
CA HIS A 141 19.45 -59.33 -13.14
C HIS A 141 18.25 -58.41 -13.33
N GLY A 142 18.44 -57.13 -13.05
CA GLY A 142 17.38 -56.16 -13.23
C GLY A 142 16.97 -55.42 -11.98
N LEU A 143 16.19 -54.36 -12.16
CA LEU A 143 15.66 -53.58 -11.06
C LEU A 143 14.26 -53.14 -11.44
N GLU A 144 13.26 -53.87 -10.98
CA GLU A 144 11.88 -53.56 -11.32
C GLU A 144 10.98 -53.72 -10.10
N GLY A 145 10.05 -52.78 -9.91
CA GLY A 145 9.12 -52.86 -8.80
C GLY A 145 8.19 -51.67 -8.73
N SER A 146 7.59 -51.49 -7.56
CA SER A 146 6.74 -50.33 -7.31
C SER A 146 6.87 -49.92 -5.86
N MET A 147 6.51 -48.68 -5.56
CA MET A 147 6.53 -48.22 -4.18
C MET A 147 5.34 -47.34 -3.89
N VAL A 148 4.84 -47.41 -2.66
CA VAL A 148 3.66 -46.68 -2.24
C VAL A 148 3.93 -45.97 -0.93
N VAL A 149 3.49 -44.72 -0.83
CA VAL A 149 3.65 -43.94 0.38
C VAL A 149 2.29 -43.66 1.02
N TYR A 150 2.20 -43.92 2.33
CA TYR A 150 0.97 -43.65 3.07
C TYR A 150 1.23 -42.61 4.15
N ASP A 151 0.27 -41.69 4.32
CA ASP A 151 0.32 -40.77 5.46
C ASP A 151 -0.15 -41.51 6.70
N VAL A 152 0.72 -41.62 7.70
CA VAL A 152 0.40 -42.36 8.91
C VAL A 152 -0.44 -41.53 9.85
N LEU A 153 -1.63 -42.03 10.18
CA LEU A 153 -2.53 -41.34 11.08
C LEU A 153 -2.37 -41.88 12.49
N GLU A 154 -2.42 -43.20 12.60
CA GLU A 154 -2.22 -43.89 13.87
C GLU A 154 -1.06 -44.88 13.77
N ASP A 155 -0.15 -44.83 14.73
CA ASP A 155 0.99 -45.74 14.73
C ASP A 155 0.84 -46.85 15.77
N SER A 156 1.79 -47.77 15.80
CA SER A 156 1.83 -48.84 16.78
C SER A 156 3.19 -49.51 16.79
N GLU A 157 3.66 -49.88 17.98
CA GLU A 157 5.00 -50.43 18.13
C GLU A 157 5.00 -51.95 18.04
N THR A 158 4.41 -52.48 16.97
CA THR A 158 4.44 -53.90 16.69
C THR A 158 5.16 -54.13 15.36
N TRP A 159 4.42 -54.00 14.27
CA TRP A 159 5.01 -54.01 12.94
C TRP A 159 4.75 -52.66 12.27
N ASP A 160 4.95 -52.59 10.96
CA ASP A 160 4.75 -51.34 10.24
C ASP A 160 3.37 -51.26 9.61
N GLN A 161 3.22 -51.80 8.40
CA GLN A 161 1.93 -51.77 7.70
C GLN A 161 0.96 -52.75 8.32
N ALA A 162 1.48 -53.70 9.10
CA ALA A 162 0.64 -54.71 9.75
C ALA A 162 -0.15 -54.14 10.93
N THR A 163 -0.21 -52.81 11.01
CA THR A 163 -0.96 -52.14 12.07
C THR A 163 -1.20 -50.68 11.75
N GLY A 164 -1.87 -49.98 12.65
CA GLY A 164 -2.07 -48.54 12.53
C GLY A 164 -3.16 -48.10 11.57
N THR A 165 -3.13 -46.81 11.22
CA THR A 165 -4.10 -46.22 10.30
C THR A 165 -3.39 -45.37 9.25
N LYS A 166 -3.71 -45.61 7.98
CA LYS A 166 -3.01 -44.94 6.89
C LYS A 166 -3.95 -44.34 5.85
N THR A 167 -3.48 -43.29 5.19
CA THR A 167 -4.17 -42.74 4.03
C THR A 167 -3.27 -42.85 2.82
N PHE A 168 -3.79 -43.43 1.74
CA PHE A 168 -2.99 -43.67 0.54
C PHE A 168 -2.64 -42.34 -0.14
N LEU A 169 -1.39 -42.21 -0.56
CA LEU A 169 -0.94 -40.99 -1.22
C LEU A 169 -0.58 -41.22 -2.69
N VAL A 170 0.53 -41.90 -2.93
CA VAL A 170 1.07 -42.07 -4.28
C VAL A 170 1.52 -43.51 -4.54
N SER A 171 1.16 -44.03 -5.70
CA SER A 171 1.72 -45.30 -6.18
C SER A 171 2.68 -45.02 -7.32
N GLN A 172 3.86 -45.64 -7.28
CA GLN A 172 4.91 -45.33 -8.25
C GLN A 172 5.65 -46.59 -8.72
N ASP A 173 5.53 -46.91 -10.00
CA ASP A 173 6.33 -47.98 -10.59
C ASP A 173 7.76 -47.49 -10.82
N ILE A 174 8.72 -48.33 -10.45
CA ILE A 174 10.13 -47.93 -10.49
C ILE A 174 10.94 -48.83 -11.42
N ARG A 175 11.98 -48.26 -12.02
CA ARG A 175 12.82 -49.00 -12.96
C ARG A 175 14.30 -48.63 -12.79
N ASP A 176 14.62 -47.38 -13.11
CA ASP A 176 15.98 -46.88 -13.03
C ASP A 176 16.45 -46.66 -11.60
N GLU A 177 17.69 -47.06 -11.31
CA GLU A 177 18.32 -46.71 -10.04
C GLU A 177 18.53 -45.21 -10.01
N GLY A 178 18.12 -44.58 -8.91
CA GLY A 178 18.27 -43.14 -8.78
C GLY A 178 17.18 -42.49 -7.94
N TRP A 179 17.07 -41.17 -8.07
CA TRP A 179 16.09 -40.41 -7.30
C TRP A 179 14.72 -40.40 -7.96
N GLU A 180 13.70 -40.69 -7.17
CA GLU A 180 12.32 -40.61 -7.63
C GLU A 180 11.59 -39.50 -6.89
N THR A 181 10.63 -38.86 -7.55
CA THR A 181 9.89 -37.77 -6.94
C THR A 181 8.41 -38.12 -6.77
N LEU A 182 7.94 -38.02 -5.54
CA LEU A 182 6.55 -38.34 -5.22
C LEU A 182 5.79 -37.11 -4.74
N GLU A 183 4.76 -36.73 -5.47
CA GLU A 183 3.97 -35.55 -5.12
C GLU A 183 3.01 -35.88 -3.97
N VAL A 184 3.37 -35.46 -2.77
CA VAL A 184 2.59 -35.76 -1.58
C VAL A 184 2.17 -34.48 -0.86
N SER A 185 1.71 -33.49 -1.62
CA SER A 185 1.26 -32.21 -1.08
C SER A 185 0.13 -32.39 -0.06
N SER A 186 -0.74 -33.36 -0.33
CA SER A 186 -1.88 -33.65 0.52
C SER A 186 -1.52 -33.85 1.99
N ALA A 187 -0.50 -34.67 2.24
CA ALA A 187 -0.09 -35.00 3.60
C ALA A 187 0.45 -33.78 4.36
N VAL A 188 1.26 -32.98 3.69
CA VAL A 188 1.88 -31.81 4.31
C VAL A 188 0.83 -30.78 4.71
N LYS A 189 -0.17 -30.58 3.86
CA LYS A 189 -1.24 -29.64 4.15
C LYS A 189 -1.98 -30.02 5.44
N ARG A 190 -2.14 -31.32 5.67
CA ARG A 190 -2.76 -31.80 6.89
C ARG A 190 -1.83 -31.63 8.08
N TRP A 191 -0.52 -31.63 7.82
CA TRP A 191 0.47 -31.49 8.88
C TRP A 191 0.53 -30.03 9.36
N VAL A 192 0.32 -29.11 8.44
CA VAL A 192 0.28 -27.69 8.78
C VAL A 192 -0.98 -27.41 9.59
N ARG A 193 -2.12 -27.86 9.06
CA ARG A 193 -3.38 -27.79 9.80
C ARG A 193 -3.46 -28.99 10.75
N ALA A 194 -2.65 -28.95 11.80
CA ALA A 194 -2.50 -30.06 12.73
C ALA A 194 -3.78 -30.35 13.50
N ASP A 195 -4.38 -29.30 14.06
CA ASP A 195 -5.59 -29.37 14.88
C ASP A 195 -5.33 -30.08 16.22
N SER A 196 -4.09 -30.52 16.42
CA SER A 196 -3.60 -31.00 17.71
C SER A 196 -4.37 -32.20 18.25
N THR A 197 -5.05 -32.93 17.38
CA THR A 197 -5.79 -34.11 17.79
C THR A 197 -5.06 -35.40 17.42
N THR A 198 -4.66 -35.51 16.16
CA THR A 198 -3.98 -36.70 15.68
C THR A 198 -2.48 -36.46 15.51
N ASN A 199 -1.68 -37.48 15.85
CA ASN A 199 -0.23 -37.41 15.70
C ASN A 199 0.21 -37.72 14.28
N LYS A 200 0.60 -36.69 13.54
CA LYS A 200 1.02 -36.86 12.15
C LYS A 200 2.47 -36.41 11.94
N ASN A 201 2.68 -35.64 10.87
CA ASN A 201 4.01 -35.19 10.45
C ASN A 201 4.95 -36.36 10.16
N LYS A 202 4.36 -37.46 9.69
CA LYS A 202 5.13 -38.65 9.34
C LYS A 202 4.38 -39.50 8.32
N LEU A 203 5.12 -40.33 7.60
CA LEU A 203 4.52 -41.18 6.57
C LEU A 203 5.26 -42.51 6.42
N GLU A 204 4.56 -43.51 5.87
CA GLU A 204 5.16 -44.82 5.64
C GLU A 204 5.32 -45.12 4.15
N VAL A 205 6.50 -45.56 3.76
CA VAL A 205 6.78 -45.92 2.38
C VAL A 205 7.06 -47.41 2.27
N THR A 206 6.33 -48.08 1.40
CA THR A 206 6.53 -49.51 1.15
C THR A 206 7.07 -49.75 -0.24
N VAL A 207 8.02 -50.67 -0.36
CA VAL A 207 8.65 -50.97 -1.66
C VAL A 207 8.34 -52.40 -2.07
N GLN A 208 7.63 -52.55 -3.19
CA GLN A 208 7.22 -53.86 -3.66
C GLN A 208 8.01 -54.27 -4.91
N SER A 209 8.79 -55.34 -4.77
CA SER A 209 9.60 -55.85 -5.87
C SER A 209 8.81 -56.81 -6.76
N HIS A 210 9.02 -56.69 -8.07
CA HIS A 210 8.40 -57.59 -9.03
C HIS A 210 9.14 -58.92 -9.08
N ARG A 211 8.66 -59.86 -9.89
CA ARG A 211 9.26 -61.20 -9.95
C ARG A 211 10.69 -61.14 -10.47
N GLU A 212 10.85 -60.62 -11.69
CA GLU A 212 12.18 -60.52 -12.30
C GLU A 212 12.93 -59.25 -11.93
N SER A 213 13.33 -59.16 -10.66
CA SER A 213 14.00 -57.96 -10.18
C SER A 213 15.13 -58.25 -9.20
N CYS A 214 15.49 -57.21 -8.46
CA CYS A 214 16.53 -57.28 -7.43
C CYS A 214 16.01 -57.99 -6.18
N ASP A 215 16.87 -58.79 -5.57
CA ASP A 215 16.51 -59.49 -4.32
C ASP A 215 16.20 -58.48 -3.22
N THR A 216 17.08 -57.49 -3.07
CA THR A 216 16.96 -56.52 -1.98
C THR A 216 16.73 -55.11 -2.50
N LEU A 217 15.77 -54.99 -3.41
CA LEU A 217 15.35 -53.68 -3.92
C LEU A 217 14.73 -52.83 -2.81
N ASP A 218 15.31 -51.66 -2.57
CA ASP A 218 14.86 -50.80 -1.48
C ASP A 218 15.23 -49.35 -1.75
N ILE A 219 14.83 -48.46 -0.84
CA ILE A 219 15.22 -47.06 -0.91
C ILE A 219 16.29 -46.81 0.15
N SER A 220 17.24 -45.93 -0.16
CA SER A 220 18.30 -45.63 0.78
C SER A 220 17.76 -44.83 1.95
N VAL A 221 17.79 -45.44 3.14
CA VAL A 221 17.24 -44.84 4.34
C VAL A 221 18.20 -45.03 5.50
N PRO A 222 18.00 -44.29 6.61
CA PRO A 222 18.72 -44.60 7.85
C PRO A 222 18.52 -46.06 8.27
N PRO A 223 19.50 -46.64 8.98
CA PRO A 223 20.72 -46.02 9.51
C PRO A 223 21.85 -45.84 8.49
N GLY A 224 21.52 -45.89 7.20
CA GLY A 224 22.47 -45.55 6.16
C GLY A 224 22.76 -44.06 6.19
N SER A 225 23.77 -43.64 5.44
CA SER A 225 24.15 -42.23 5.43
C SER A 225 24.29 -41.68 4.02
N LYS A 226 23.92 -42.49 3.03
CA LYS A 226 24.06 -42.11 1.63
C LYS A 226 22.70 -41.96 0.94
N ASN A 227 22.48 -40.80 0.33
CA ASN A 227 21.26 -40.52 -0.44
C ASN A 227 19.99 -40.74 0.37
N LEU A 228 19.89 -40.09 1.53
CA LEU A 228 18.74 -40.22 2.40
C LEU A 228 17.56 -39.37 1.90
N PRO A 229 16.32 -39.80 2.21
CA PRO A 229 15.11 -39.09 1.80
C PRO A 229 15.01 -37.68 2.38
N PHE A 230 14.29 -36.81 1.68
CA PHE A 230 14.04 -35.45 2.16
C PHE A 230 12.80 -34.85 1.51
N PHE A 231 12.19 -33.89 2.20
CA PHE A 231 10.99 -33.23 1.72
C PHE A 231 11.30 -31.93 0.99
N VAL A 232 10.48 -31.60 -0.01
CA VAL A 232 10.59 -30.32 -0.71
C VAL A 232 9.23 -29.63 -0.72
N VAL A 233 9.11 -28.57 0.05
CA VAL A 233 7.83 -27.88 0.19
C VAL A 233 7.79 -26.58 -0.60
N PHE A 234 6.86 -26.50 -1.54
CA PHE A 234 6.65 -25.28 -2.32
C PHE A 234 5.54 -24.45 -1.68
N SER A 235 5.86 -23.23 -1.30
CA SER A 235 4.93 -22.41 -0.52
C SER A 235 4.84 -20.96 -1.00
N ASN A 236 3.70 -20.35 -0.74
CA ASN A 236 3.51 -18.92 -0.98
C ASN A 236 2.89 -18.26 0.23
N ASP A 237 3.00 -16.94 0.33
CA ASP A 237 2.45 -16.20 1.46
C ASP A 237 0.97 -15.89 1.24
N ARG A 238 0.17 -16.11 2.28
CA ARG A 238 -1.27 -15.88 2.20
C ARG A 238 -1.59 -14.40 1.98
N SER A 239 -0.80 -13.53 2.62
CA SER A 239 -1.01 -12.09 2.53
C SER A 239 -0.25 -11.50 1.35
N ASN A 240 0.11 -12.36 0.39
CA ASN A 240 0.79 -11.96 -0.83
C ASN A 240 2.12 -11.27 -0.55
N GLY A 241 2.82 -11.74 0.48
CA GLY A 241 4.15 -11.24 0.79
C GLY A 241 4.21 -10.25 1.93
N THR A 242 3.05 -9.85 2.43
CA THR A 242 2.99 -8.87 3.52
C THR A 242 3.53 -9.45 4.82
N LYS A 243 2.96 -10.56 5.25
CA LYS A 243 3.34 -11.19 6.52
C LYS A 243 4.69 -11.88 6.46
N GLU A 244 5.07 -12.40 5.30
CA GLU A 244 6.31 -13.16 5.18
C GLU A 244 7.53 -12.26 5.27
N THR A 245 7.51 -11.14 4.53
CA THR A 245 8.63 -10.20 4.52
C THR A 245 8.86 -9.58 5.90
N ARG A 246 7.81 -9.58 6.73
CA ARG A 246 7.93 -9.09 8.10
C ARG A 246 8.73 -10.08 8.94
N LEU A 247 8.47 -11.36 8.76
CA LEU A 247 9.22 -12.40 9.47
C LEU A 247 10.63 -12.53 8.89
N GLU A 248 10.76 -12.17 7.62
CA GLU A 248 12.07 -12.14 6.98
C GLU A 248 12.95 -11.08 7.64
N LEU A 249 12.35 -9.92 7.90
CA LEU A 249 13.06 -8.80 8.49
C LEU A 249 13.56 -9.10 9.90
N LYS A 250 12.70 -9.70 10.72
CA LYS A 250 13.04 -10.02 12.10
C LYS A 250 14.17 -11.06 12.12
N GLU A 251 14.26 -11.85 11.07
CA GLU A 251 15.32 -12.84 10.93
C GLU A 251 16.65 -12.15 10.61
N MET A 252 16.59 -11.06 9.85
CA MET A 252 17.79 -10.34 9.45
C MET A 252 18.39 -9.56 10.60
N ILE A 253 17.53 -8.99 11.43
CA ILE A 253 17.98 -8.23 12.60
C ILE A 253 18.61 -9.19 13.60
N GLY A 254 18.16 -10.44 13.58
CA GLY A 254 18.75 -11.49 14.39
C GLY A 254 20.08 -11.94 13.83
N HIS A 255 20.20 -11.93 12.51
CA HIS A 255 21.45 -12.30 11.85
C HIS A 255 22.42 -11.14 11.81
N GLU A 256 21.90 -9.93 11.97
CA GLU A 256 22.72 -8.71 11.94
C GLU A 256 23.61 -8.63 13.16
N GLU B 61 -10.21 38.61 0.96
CA GLU B 61 -10.69 38.04 -0.30
C GLU B 61 -11.47 36.74 -0.11
N PRO B 62 -10.92 35.77 0.65
CA PRO B 62 -11.75 34.57 0.83
C PRO B 62 -12.94 34.84 1.74
N PRO B 63 -14.10 34.22 1.44
CA PRO B 63 -15.31 34.36 2.26
C PRO B 63 -15.06 33.95 3.71
N GLN B 64 -15.77 34.58 4.64
CA GLN B 64 -15.61 34.24 6.05
C GLN B 64 -16.19 32.84 6.30
N TYR B 65 -17.07 32.42 5.40
CA TYR B 65 -17.67 31.09 5.45
C TYR B 65 -16.61 30.00 5.36
N MET B 66 -15.64 30.19 4.47
CA MET B 66 -14.52 29.26 4.33
C MET B 66 -13.66 29.24 5.58
N ILE B 67 -13.42 30.42 6.15
CA ILE B 67 -12.62 30.54 7.36
C ILE B 67 -13.35 29.90 8.53
N ASP B 68 -14.66 30.12 8.60
CA ASP B 68 -15.49 29.52 9.64
C ASP B 68 -15.51 28.01 9.52
N LEU B 69 -15.50 27.51 8.28
CA LEU B 69 -15.45 26.07 8.03
C LEU B 69 -14.15 25.46 8.55
N TYR B 70 -13.04 26.17 8.34
CA TYR B 70 -11.76 25.72 8.85
C TYR B 70 -11.78 25.64 10.37
N ASN B 71 -12.29 26.70 10.99
CA ASN B 71 -12.40 26.75 12.44
C ASN B 71 -13.36 25.67 12.93
N ARG B 72 -14.40 25.41 12.14
CA ARG B 72 -15.35 24.34 12.45
C ARG B 72 -14.70 22.96 12.37
N TYR B 73 -13.92 22.74 11.31
CA TYR B 73 -13.27 21.45 11.11
C TYR B 73 -12.16 21.19 12.11
N THR B 74 -11.48 22.25 12.54
CA THR B 74 -10.36 22.10 13.46
C THR B 74 -10.81 22.07 14.92
N THR B 75 -11.97 22.66 15.20
CA THR B 75 -12.56 22.56 16.53
C THR B 75 -13.07 21.14 16.75
N ASP B 76 -14.13 20.79 16.02
CA ASP B 76 -14.76 19.48 16.15
C ASP B 76 -13.88 18.42 15.51
N LYS B 77 -12.76 18.12 16.14
CA LYS B 77 -11.83 17.11 15.64
C LYS B 77 -12.34 15.71 15.92
N SER B 78 -13.30 15.59 16.84
CA SER B 78 -13.88 14.29 17.15
C SER B 78 -14.88 13.87 16.09
N SER B 79 -15.32 14.84 15.28
CA SER B 79 -16.26 14.57 14.21
C SER B 79 -15.67 14.96 12.87
N THR B 80 -15.39 13.96 12.03
CA THR B 80 -14.87 14.23 10.69
C THR B 80 -15.97 14.71 9.75
N PRO B 81 -15.65 15.68 8.89
CA PRO B 81 -16.61 16.21 7.93
C PRO B 81 -17.02 15.16 6.90
N ALA B 82 -18.20 15.32 6.31
CA ALA B 82 -18.66 14.38 5.29
C ALA B 82 -17.85 14.56 4.01
N SER B 83 -17.34 15.78 3.81
CA SER B 83 -16.55 16.09 2.63
C SER B 83 -15.19 16.66 3.01
N ASN B 84 -14.13 16.08 2.46
CA ASN B 84 -12.77 16.50 2.77
C ASN B 84 -12.37 17.78 2.05
N ILE B 85 -12.80 17.92 0.80
CA ILE B 85 -12.42 19.07 -0.02
C ILE B 85 -13.57 20.06 -0.17
N VAL B 86 -13.32 21.32 0.18
CA VAL B 86 -14.31 22.37 0.05
C VAL B 86 -13.72 23.55 -0.73
N ARG B 87 -14.46 24.02 -1.74
CA ARG B 87 -14.01 25.13 -2.56
C ARG B 87 -15.04 26.25 -2.64
N SER B 88 -14.57 27.48 -2.80
CA SER B 88 -15.44 28.65 -2.90
C SER B 88 -15.35 29.30 -4.27
N PHE B 89 -16.49 29.41 -4.95
CA PHE B 89 -16.53 30.02 -6.28
C PHE B 89 -17.42 31.24 -6.30
N SER B 90 -16.81 32.42 -6.40
CA SER B 90 -17.55 33.67 -6.46
C SER B 90 -18.22 33.86 -7.82
N VAL B 91 -19.24 34.69 -7.86
CA VAL B 91 -19.98 34.94 -9.10
C VAL B 91 -19.08 35.63 -10.12
N GLU B 92 -19.16 35.19 -11.37
CA GLU B 92 -18.33 35.76 -12.43
C GLU B 92 -19.03 36.94 -13.09
N ASP B 93 -20.30 36.76 -13.43
CA ASP B 93 -21.10 37.82 -14.04
C ASP B 93 -22.57 37.67 -13.66
N ALA B 94 -23.31 38.78 -13.71
CA ALA B 94 -24.71 38.76 -13.32
C ALA B 94 -25.56 39.64 -14.24
N ILE B 95 -26.67 39.09 -14.71
CA ILE B 95 -27.61 39.82 -15.56
C ILE B 95 -28.92 40.01 -14.80
N SER B 96 -29.20 41.25 -14.42
CA SER B 96 -30.35 41.54 -13.56
C SER B 96 -31.46 42.26 -14.32
N THR B 97 -32.69 41.78 -14.14
CA THR B 97 -33.86 42.41 -14.73
C THR B 97 -34.90 42.72 -13.64
N ALA B 98 -35.33 43.98 -13.59
CA ALA B 98 -36.30 44.41 -12.58
C ALA B 98 -37.68 43.80 -12.85
N ALA B 99 -38.54 43.87 -11.84
CA ALA B 99 -39.90 43.34 -11.94
C ALA B 99 -40.75 44.13 -12.94
N THR B 100 -41.60 43.43 -13.65
CA THR B 100 -42.53 44.05 -14.60
C THR B 100 -43.96 43.62 -14.29
N GLU B 101 -44.93 44.24 -14.97
CA GLU B 101 -46.33 43.88 -14.78
C GLU B 101 -46.58 42.46 -15.27
N ASP B 102 -45.93 42.09 -16.36
CA ASP B 102 -46.08 40.75 -16.93
C ASP B 102 -45.40 39.71 -16.05
N PHE B 103 -44.28 40.10 -15.44
CA PHE B 103 -43.53 39.21 -14.56
C PHE B 103 -43.12 39.93 -13.27
N PRO B 104 -44.01 39.92 -12.26
CA PRO B 104 -43.83 40.66 -11.00
C PRO B 104 -42.80 40.05 -10.05
N PHE B 105 -41.54 40.01 -10.45
CA PHE B 105 -40.46 39.53 -9.59
C PHE B 105 -39.10 39.92 -10.14
N GLN B 106 -38.10 39.94 -9.26
CA GLN B 106 -36.74 40.27 -9.66
C GLN B 106 -36.06 39.07 -10.33
N LYS B 107 -35.42 39.32 -11.47
CA LYS B 107 -34.76 38.26 -12.22
C LYS B 107 -33.24 38.43 -12.20
N HIS B 108 -32.53 37.36 -11.86
CA HIS B 108 -31.07 37.39 -11.83
C HIS B 108 -30.47 36.15 -12.47
N ILE B 109 -29.71 36.34 -13.55
CA ILE B 109 -28.96 35.25 -14.14
C ILE B 109 -27.52 35.30 -13.65
N LEU B 110 -27.14 34.31 -12.85
CA LEU B 110 -25.82 34.29 -12.23
C LEU B 110 -24.88 33.33 -12.97
N ILE B 111 -23.75 33.86 -13.43
CA ILE B 111 -22.76 33.05 -14.14
C ILE B 111 -21.57 32.77 -13.24
N PHE B 112 -21.21 31.49 -13.14
CA PHE B 112 -20.05 31.09 -12.33
C PHE B 112 -19.00 30.42 -13.21
N ASN B 113 -17.83 30.16 -12.62
CA ASN B 113 -16.76 29.48 -13.34
C ASN B 113 -16.27 28.27 -12.54
N ILE B 114 -17.21 27.42 -12.13
CA ILE B 114 -16.89 26.25 -11.31
C ILE B 114 -16.15 25.21 -12.12
N SER B 115 -14.96 24.82 -11.63
CA SER B 115 -14.15 23.80 -12.28
C SER B 115 -13.54 22.85 -11.25
N ILE B 116 -14.17 21.68 -11.11
CA ILE B 116 -13.72 20.67 -10.15
C ILE B 116 -13.01 19.55 -10.91
N PRO B 117 -11.81 19.14 -10.43
CA PRO B 117 -11.08 18.04 -11.08
C PRO B 117 -11.92 16.78 -11.26
N ARG B 118 -11.75 16.09 -12.38
CA ARG B 118 -12.55 14.92 -12.69
C ARG B 118 -12.22 13.74 -11.77
N HIS B 119 -11.07 13.78 -11.12
CA HIS B 119 -10.70 12.73 -10.19
C HIS B 119 -11.37 12.96 -8.83
N GLU B 120 -12.12 14.05 -8.72
CA GLU B 120 -12.82 14.37 -7.47
C GLU B 120 -14.31 14.05 -7.60
N GLN B 121 -14.88 13.48 -6.54
CA GLN B 121 -16.31 13.20 -6.50
C GLN B 121 -17.02 14.17 -5.55
N ILE B 122 -17.78 15.09 -6.12
CA ILE B 122 -18.44 16.13 -5.34
C ILE B 122 -19.62 15.56 -4.57
N THR B 123 -19.80 16.03 -3.35
CA THR B 123 -20.84 15.50 -2.46
C THR B 123 -22.03 16.44 -2.38
N ARG B 124 -21.76 17.73 -2.22
CA ARG B 124 -22.80 18.71 -1.94
C ARG B 124 -22.36 20.10 -2.41
N ALA B 125 -23.32 20.89 -2.88
CA ALA B 125 -23.01 22.25 -3.32
C ALA B 125 -24.02 23.25 -2.75
N GLU B 126 -23.51 24.38 -2.28
CA GLU B 126 -24.35 25.41 -1.69
C GLU B 126 -24.25 26.73 -2.45
N LEU B 127 -25.40 27.34 -2.72
CA LEU B 127 -25.43 28.67 -3.30
C LEU B 127 -25.85 29.67 -2.22
N ARG B 128 -24.91 30.51 -1.80
CA ARG B 128 -25.18 31.45 -0.73
C ARG B 128 -25.51 32.84 -1.27
N LEU B 129 -26.69 33.33 -0.90
CA LEU B 129 -27.18 34.62 -1.38
C LEU B 129 -27.45 35.56 -0.21
N TYR B 130 -27.31 36.86 -0.45
CA TYR B 130 -27.61 37.85 0.57
C TYR B 130 -28.95 38.55 0.30
N VAL B 131 -29.99 38.11 0.99
CA VAL B 131 -31.32 38.68 0.83
C VAL B 131 -31.48 39.98 1.61
N SER B 132 -31.86 41.05 0.92
CA SER B 132 -31.99 42.36 1.56
C SER B 132 -32.91 43.30 0.80
N CYS B 133 -33.77 44.01 1.55
CA CYS B 133 -34.57 45.10 0.99
C CYS B 133 -33.65 46.27 0.65
N GLN B 134 -33.48 46.53 -0.64
CA GLN B 134 -32.44 47.44 -1.11
C GLN B 134 -32.64 48.89 -0.68
N ASN B 135 -32.48 49.14 0.62
CA ASN B 135 -32.46 50.49 1.20
C ASN B 135 -33.64 51.37 0.75
N ASP B 136 -34.86 50.88 0.94
CA ASP B 136 -36.03 51.63 0.50
C ASP B 136 -36.74 52.21 1.73
N VAL B 137 -37.42 53.34 1.51
CA VAL B 137 -38.26 53.93 2.55
C VAL B 137 -39.59 53.19 2.60
N ASP B 138 -40.22 53.26 3.77
CA ASP B 138 -41.44 52.52 4.08
C ASP B 138 -41.20 51.02 3.99
N SER B 139 -40.02 50.59 4.42
CA SER B 139 -39.65 49.19 4.47
C SER B 139 -40.02 48.58 5.82
N THR B 140 -40.53 49.41 6.72
CA THR B 140 -40.93 48.97 8.06
C THR B 140 -42.37 48.49 8.12
N HIS B 141 -42.92 48.16 6.96
CA HIS B 141 -44.27 47.60 6.89
C HIS B 141 -44.20 46.08 6.92
N GLY B 142 -42.99 45.56 7.08
CA GLY B 142 -42.76 44.13 7.15
C GLY B 142 -41.78 43.62 6.11
N LEU B 143 -41.33 42.39 6.28
CA LEU B 143 -40.38 41.78 5.35
C LEU B 143 -40.65 40.29 5.16
N GLU B 144 -41.39 39.96 4.10
CA GLU B 144 -41.74 38.57 3.81
C GLU B 144 -41.63 38.32 2.31
N GLY B 145 -41.17 37.13 1.93
CA GLY B 145 -41.12 36.77 0.53
C GLY B 145 -40.59 35.38 0.25
N SER B 146 -40.24 35.12 -1.00
CA SER B 146 -39.66 33.84 -1.39
C SER B 146 -38.71 34.01 -2.57
N MET B 147 -37.83 33.03 -2.76
CA MET B 147 -36.92 33.06 -3.89
C MET B 147 -36.73 31.65 -4.48
N VAL B 148 -36.55 31.60 -5.80
CA VAL B 148 -36.42 30.33 -6.50
C VAL B 148 -35.20 30.35 -7.42
N VAL B 149 -34.44 29.26 -7.43
CA VAL B 149 -33.27 29.14 -8.31
C VAL B 149 -33.48 28.05 -9.35
N TYR B 150 -33.22 28.38 -10.61
CA TYR B 150 -33.32 27.43 -11.71
C TYR B 150 -31.96 27.19 -12.37
N ASP B 151 -31.68 25.93 -12.71
CA ASP B 151 -30.51 25.62 -13.52
C ASP B 151 -30.82 25.92 -14.98
N VAL B 152 -30.06 26.85 -15.57
CA VAL B 152 -30.29 27.27 -16.94
C VAL B 152 -29.62 26.32 -17.94
N LEU B 153 -30.43 25.73 -18.82
CA LEU B 153 -29.91 24.83 -19.86
C LEU B 153 -29.73 25.58 -21.17
N GLU B 154 -30.77 26.31 -21.58
CA GLU B 154 -30.70 27.12 -22.78
C GLU B 154 -31.02 28.57 -22.45
N ASP B 155 -30.17 29.48 -22.90
CA ASP B 155 -30.37 30.90 -22.66
C ASP B 155 -30.82 31.63 -23.92
N SER B 156 -31.08 32.92 -23.79
CA SER B 156 -31.48 33.77 -24.91
C SER B 156 -31.30 35.24 -24.55
N GLU B 157 -30.88 36.04 -25.52
CA GLU B 157 -30.53 37.43 -25.28
C GLU B 157 -31.72 38.39 -25.44
N THR B 158 -32.83 38.08 -24.77
CA THR B 158 -33.97 38.98 -24.73
C THR B 158 -34.20 39.43 -23.30
N TRP B 159 -34.95 38.63 -22.55
CA TRP B 159 -35.10 38.85 -21.11
C TRP B 159 -34.59 37.63 -20.35
N ASP B 160 -34.94 37.51 -19.08
CA ASP B 160 -34.44 36.41 -18.27
C ASP B 160 -35.37 35.20 -18.26
N GLN B 161 -36.37 35.21 -17.38
CA GLN B 161 -37.30 34.08 -17.29
C GLN B 161 -38.27 34.09 -18.47
N ALA B 162 -38.37 35.23 -19.15
CA ALA B 162 -39.27 35.36 -20.29
C ALA B 162 -38.77 34.61 -21.52
N THR B 163 -37.79 33.73 -21.32
CA THR B 163 -37.26 32.91 -22.41
C THR B 163 -36.41 31.75 -21.88
N GLY B 164 -35.86 30.96 -22.81
CA GLY B 164 -34.94 29.88 -22.49
C GLY B 164 -35.53 28.60 -21.95
N THR B 165 -34.67 27.75 -21.40
CA THR B 165 -35.06 26.46 -20.83
C THR B 165 -34.41 26.27 -19.46
N LYS B 166 -35.22 25.93 -18.47
CA LYS B 166 -34.73 25.84 -17.10
C LYS B 166 -35.18 24.56 -16.38
N THR B 167 -34.38 24.13 -15.42
CA THR B 167 -34.77 23.04 -14.52
C THR B 167 -34.83 23.58 -13.09
N PHE B 168 -35.94 23.33 -12.43
CA PHE B 168 -36.16 23.85 -11.07
C PHE B 168 -35.24 23.16 -10.08
N LEU B 169 -34.65 23.95 -9.18
CA LEU B 169 -33.74 23.40 -8.18
C LEU B 169 -34.31 23.55 -6.76
N VAL B 170 -34.37 24.77 -6.25
CA VAL B 170 -34.76 25.00 -4.86
C VAL B 170 -35.74 26.16 -4.73
N SER B 171 -36.78 25.96 -3.93
CA SER B 171 -37.68 27.04 -3.54
C SER B 171 -37.43 27.37 -2.07
N GLN B 172 -37.34 28.66 -1.75
CA GLN B 172 -36.98 29.09 -0.40
C GLN B 172 -37.82 30.27 0.08
N ASP B 173 -38.63 30.04 1.11
CA ASP B 173 -39.35 31.13 1.75
C ASP B 173 -38.39 31.89 2.66
N ILE B 174 -38.42 33.22 2.58
CA ILE B 174 -37.47 34.05 3.30
C ILE B 174 -38.17 35.01 4.26
N ARG B 175 -37.49 35.34 5.35
CA ARG B 175 -38.05 36.22 6.37
C ARG B 175 -36.98 37.18 6.88
N ASP B 176 -35.98 36.63 7.57
CA ASP B 176 -34.90 37.44 8.12
C ASP B 176 -33.95 37.94 7.04
N GLU B 177 -33.56 39.21 7.13
CA GLU B 177 -32.51 39.76 6.27
C GLU B 177 -31.17 39.12 6.61
N GLY B 178 -30.44 38.68 5.59
CA GLY B 178 -29.16 38.05 5.80
C GLY B 178 -28.80 37.01 4.76
N TRP B 179 -27.83 36.16 5.09
CA TRP B 179 -27.36 35.14 4.16
C TRP B 179 -28.25 33.89 4.19
N GLU B 180 -28.63 33.45 3.00
CA GLU B 180 -29.39 32.21 2.86
C GLU B 180 -28.56 31.17 2.13
N THR B 181 -28.76 29.90 2.46
CA THR B 181 -28.02 28.82 1.82
C THR B 181 -28.95 27.92 1.03
N LEU B 182 -28.66 27.76 -0.26
CA LEU B 182 -29.50 26.93 -1.13
C LEU B 182 -28.72 25.74 -1.67
N GLU B 183 -29.19 24.54 -1.35
CA GLU B 183 -28.53 23.31 -1.78
C GLU B 183 -28.83 23.01 -3.25
N VAL B 184 -27.89 23.35 -4.12
CA VAL B 184 -28.08 23.17 -5.55
C VAL B 184 -26.99 22.27 -6.12
N SER B 185 -26.70 21.19 -5.39
CA SER B 185 -25.68 20.22 -5.78
C SER B 185 -25.99 19.61 -7.15
N SER B 186 -27.28 19.40 -7.43
CA SER B 186 -27.73 18.81 -8.69
C SER B 186 -27.15 19.51 -9.92
N ALA B 187 -27.22 20.84 -9.92
CA ALA B 187 -26.76 21.63 -11.05
C ALA B 187 -25.25 21.50 -11.27
N VAL B 188 -24.50 21.55 -10.18
CA VAL B 188 -23.04 21.48 -10.24
C VAL B 188 -22.60 20.14 -10.79
N LYS B 189 -23.27 19.08 -10.36
CA LYS B 189 -23.00 17.73 -10.83
C LYS B 189 -23.20 17.65 -12.34
N ARG B 190 -24.20 18.37 -12.83
CA ARG B 190 -24.48 18.45 -14.26
C ARG B 190 -23.44 19.30 -14.98
N TRP B 191 -22.87 20.26 -14.26
CA TRP B 191 -21.86 21.16 -14.82
C TRP B 191 -20.51 20.47 -14.99
N VAL B 192 -20.20 19.54 -14.09
CA VAL B 192 -18.97 18.77 -14.19
C VAL B 192 -19.04 17.87 -15.42
N ARG B 193 -20.14 17.13 -15.53
CA ARG B 193 -20.43 16.36 -16.74
C ARG B 193 -21.07 17.28 -17.77
N ALA B 194 -20.27 18.17 -18.33
CA ALA B 194 -20.76 19.21 -19.23
C ALA B 194 -21.33 18.65 -20.53
N ASP B 195 -20.56 17.77 -21.18
CA ASP B 195 -20.92 17.14 -22.45
C ASP B 195 -20.95 18.14 -23.62
N SER B 196 -20.67 19.41 -23.34
CA SER B 196 -20.40 20.41 -24.36
C SER B 196 -21.53 20.66 -25.36
N THR B 197 -22.77 20.39 -24.99
CA THR B 197 -23.88 20.59 -25.90
C THR B 197 -24.63 21.88 -25.60
N THR B 198 -25.04 22.05 -24.34
CA THR B 198 -25.77 23.22 -23.91
C THR B 198 -24.86 24.18 -23.13
N ASN B 199 -25.08 25.48 -23.30
CA ASN B 199 -24.30 26.47 -22.58
C ASN B 199 -24.84 26.59 -21.16
N LYS B 200 -24.13 25.98 -20.22
CA LYS B 200 -24.57 25.98 -18.82
C LYS B 200 -23.56 26.67 -17.92
N ASN B 201 -23.28 26.03 -16.77
CA ASN B 201 -22.42 26.60 -15.74
C ASN B 201 -22.97 27.94 -15.27
N LYS B 202 -24.30 28.05 -15.29
CA LYS B 202 -24.99 29.26 -14.86
C LYS B 202 -26.40 28.92 -14.39
N LEU B 203 -26.98 29.80 -13.59
CA LEU B 203 -28.32 29.58 -13.05
C LEU B 203 -29.07 30.89 -12.85
N GLU B 204 -30.40 30.82 -12.82
CA GLU B 204 -31.22 32.01 -12.63
C GLU B 204 -31.94 31.99 -11.28
N VAL B 205 -31.85 33.10 -10.56
CA VAL B 205 -32.53 33.25 -9.28
C VAL B 205 -33.59 34.35 -9.36
N THR B 206 -34.82 34.00 -8.97
CA THR B 206 -35.90 34.98 -8.93
C THR B 206 -36.32 35.26 -7.49
N VAL B 207 -36.58 36.52 -7.19
CA VAL B 207 -36.96 36.92 -5.83
C VAL B 207 -38.38 37.50 -5.82
N GLN B 208 -39.28 36.82 -5.14
CA GLN B 208 -40.69 37.21 -5.10
C GLN B 208 -41.10 37.76 -3.73
N SER B 209 -41.52 39.02 -3.70
CA SER B 209 -41.97 39.64 -2.46
C SER B 209 -43.46 39.36 -2.23
N HIS B 210 -43.83 39.07 -0.98
CA HIS B 210 -45.23 38.81 -0.65
C HIS B 210 -45.99 40.13 -0.50
N ARG B 211 -47.30 40.05 -0.29
CA ARG B 211 -48.14 41.24 -0.21
C ARG B 211 -47.80 42.11 1.00
N GLU B 212 -47.92 43.43 0.81
CA GLU B 212 -47.62 44.42 1.86
C GLU B 212 -46.22 44.20 2.44
N SER B 213 -45.22 44.42 1.60
CA SER B 213 -43.83 44.20 1.99
C SER B 213 -42.91 45.26 1.39
N CYS B 214 -41.63 44.94 1.27
CA CYS B 214 -40.65 45.85 0.69
C CYS B 214 -40.86 45.93 -0.82
N ASP B 215 -40.69 47.13 -1.36
CA ASP B 215 -40.82 47.34 -2.80
C ASP B 215 -39.78 46.55 -3.59
N THR B 216 -38.54 46.63 -3.15
CA THR B 216 -37.42 46.05 -3.88
C THR B 216 -36.71 44.95 -3.10
N LEU B 217 -37.48 44.00 -2.58
CA LEU B 217 -36.88 42.83 -1.94
C LEU B 217 -36.08 42.06 -2.98
N ASP B 218 -34.78 41.92 -2.74
CA ASP B 218 -33.90 41.30 -3.72
C ASP B 218 -32.64 40.72 -3.08
N ILE B 219 -31.79 40.12 -3.90
CA ILE B 219 -30.49 39.63 -3.44
C ILE B 219 -29.40 40.57 -3.92
N SER B 220 -28.37 40.74 -3.10
CA SER B 220 -27.25 41.61 -3.43
C SER B 220 -26.41 40.97 -4.54
N VAL B 221 -26.37 41.62 -5.70
CA VAL B 221 -25.67 41.08 -6.87
C VAL B 221 -24.82 42.16 -7.51
N PRO B 222 -23.89 41.76 -8.41
CA PRO B 222 -23.18 42.73 -9.26
C PRO B 222 -24.14 43.62 -10.04
N PRO B 223 -23.71 44.85 -10.39
CA PRO B 223 -22.38 45.43 -10.22
C PRO B 223 -22.07 45.96 -8.81
N GLY B 224 -22.83 45.52 -7.81
CA GLY B 224 -22.51 45.85 -6.43
C GLY B 224 -21.26 45.11 -5.99
N SER B 225 -20.72 45.48 -4.83
CA SER B 225 -19.49 44.88 -4.34
C SER B 225 -19.61 44.38 -2.91
N LYS B 226 -20.83 44.44 -2.37
CA LYS B 226 -21.06 44.02 -0.99
C LYS B 226 -21.98 42.80 -0.92
N ASN B 227 -21.50 41.76 -0.25
CA ASN B 227 -22.26 40.53 -0.03
C ASN B 227 -22.75 39.89 -1.33
N LEU B 228 -21.82 39.68 -2.26
CA LEU B 228 -22.14 39.08 -3.55
C LEU B 228 -22.27 37.56 -3.43
N PRO B 229 -23.08 36.95 -4.31
CA PRO B 229 -23.29 35.49 -4.29
C PRO B 229 -22.01 34.71 -4.56
N PHE B 230 -21.95 33.48 -4.04
CA PHE B 230 -20.82 32.60 -4.31
C PHE B 230 -21.20 31.14 -4.07
N PHE B 231 -20.49 30.25 -4.74
CA PHE B 231 -20.74 28.81 -4.63
C PHE B 231 -19.83 28.15 -3.60
N VAL B 232 -20.34 27.11 -2.95
CA VAL B 232 -19.55 26.31 -2.04
C VAL B 232 -19.69 24.84 -2.41
N VAL B 233 -18.63 24.26 -2.96
CA VAL B 233 -18.66 22.89 -3.44
C VAL B 233 -17.96 21.93 -2.49
N PHE B 234 -18.70 20.96 -1.97
CA PHE B 234 -18.14 19.94 -1.10
C PHE B 234 -17.78 18.68 -1.90
N SER B 235 -16.51 18.31 -1.85
CA SER B 235 -16.01 17.23 -2.70
C SER B 235 -15.08 16.26 -1.98
N ASN B 236 -15.01 15.04 -2.46
CA ASN B 236 -14.05 14.05 -1.99
C ASN B 236 -13.35 13.39 -3.17
N ASP B 237 -12.19 12.80 -2.92
CA ASP B 237 -11.43 12.14 -3.97
C ASP B 237 -11.90 10.70 -4.16
N ARG B 238 -12.10 10.31 -5.42
CA ARG B 238 -12.55 8.96 -5.75
C ARG B 238 -11.50 7.90 -5.39
N SER B 239 -10.23 8.23 -5.60
CA SER B 239 -9.15 7.28 -5.35
C SER B 239 -8.66 7.35 -3.90
N ASN B 240 -9.51 7.89 -3.03
CA ASN B 240 -9.25 7.95 -1.59
C ASN B 240 -7.98 8.73 -1.25
N GLY B 241 -7.68 9.76 -2.03
CA GLY B 241 -6.57 10.64 -1.73
C GLY B 241 -5.31 10.39 -2.56
N THR B 242 -5.33 9.33 -3.36
CA THR B 242 -4.17 8.96 -4.16
C THR B 242 -3.88 9.98 -5.26
N LYS B 243 -4.88 10.22 -6.11
CA LYS B 243 -4.71 11.14 -7.23
C LYS B 243 -4.68 12.60 -6.79
N GLU B 244 -5.42 12.94 -5.74
CA GLU B 244 -5.53 14.33 -5.31
C GLU B 244 -4.23 14.77 -4.63
N SER C 6 26.53 17.40 -4.78
CA SER C 6 26.05 16.59 -5.89
C SER C 6 24.53 16.67 -6.03
N HIS C 7 23.94 15.57 -6.48
CA HIS C 7 22.49 15.49 -6.67
C HIS C 7 22.00 14.08 -6.37
N CYS C 8 20.93 13.99 -5.58
CA CYS C 8 20.37 12.71 -5.17
C CYS C 8 20.04 11.82 -6.36
N GLN C 9 20.79 10.73 -6.50
CA GLN C 9 20.65 9.82 -7.63
C GLN C 9 21.08 8.41 -7.24
N LYS C 10 20.57 7.41 -7.96
CA LYS C 10 20.95 6.03 -7.70
C LYS C 10 22.31 5.70 -8.31
N THR C 11 23.19 5.10 -7.51
CA THR C 11 24.49 4.68 -7.99
C THR C 11 24.68 3.17 -7.78
N SER C 12 25.73 2.62 -8.39
CA SER C 12 26.00 1.19 -8.30
C SER C 12 26.67 0.83 -6.97
N LEU C 13 26.38 -0.38 -6.49
CA LEU C 13 27.00 -0.89 -5.26
C LEU C 13 26.90 -2.40 -5.16
N ARG C 14 28.01 -3.09 -5.41
CA ARG C 14 28.06 -4.54 -5.31
C ARG C 14 28.43 -4.96 -3.88
N VAL C 15 27.67 -5.91 -3.33
CA VAL C 15 27.86 -6.33 -1.96
C VAL C 15 28.24 -7.81 -1.87
N ASN C 16 29.48 -8.06 -1.44
CA ASN C 16 29.94 -9.42 -1.19
C ASN C 16 29.58 -9.79 0.25
N PHE C 17 28.80 -10.86 0.41
CA PHE C 17 28.27 -11.22 1.72
C PHE C 17 29.32 -11.66 2.73
N GLU C 18 30.47 -12.15 2.24
CA GLU C 18 31.56 -12.52 3.13
C GLU C 18 32.12 -11.29 3.82
N ASP C 19 32.12 -10.17 3.10
CA ASP C 19 32.65 -8.91 3.64
C ASP C 19 31.81 -8.41 4.80
N ILE C 20 30.50 -8.66 4.74
CA ILE C 20 29.60 -8.22 5.79
C ILE C 20 29.31 -9.37 6.74
N GLY C 21 29.77 -10.55 6.39
CA GLY C 21 29.65 -11.71 7.26
C GLY C 21 28.41 -12.55 7.04
N TRP C 22 27.64 -12.23 6.00
CA TRP C 22 26.40 -12.95 5.71
C TRP C 22 26.64 -14.23 4.93
N ASP C 23 27.90 -14.59 4.73
CA ASP C 23 28.25 -15.86 4.08
C ASP C 23 27.96 -17.03 5.01
N SER C 24 27.71 -16.71 6.28
CA SER C 24 27.46 -17.74 7.30
C SER C 24 26.09 -18.40 7.15
N TRP C 25 25.22 -17.81 6.34
CA TRP C 25 23.89 -18.35 6.15
C TRP C 25 23.38 -18.22 4.70
N ILE C 26 23.90 -17.24 3.97
CA ILE C 26 23.56 -17.10 2.56
C ILE C 26 24.37 -18.05 1.69
N ILE C 27 23.68 -18.96 1.04
CA ILE C 27 24.32 -19.95 0.17
C ILE C 27 24.59 -19.34 -1.20
N ALA C 28 23.65 -18.52 -1.66
CA ALA C 28 23.74 -17.88 -2.97
C ALA C 28 23.01 -16.54 -2.95
N PRO C 29 23.46 -15.57 -3.78
CA PRO C 29 24.56 -15.60 -4.74
C PRO C 29 25.93 -15.21 -4.21
N LYS C 30 26.10 -15.11 -2.89
CA LYS C 30 27.36 -14.71 -2.26
C LYS C 30 27.74 -13.25 -2.55
N GLU C 31 27.29 -12.71 -3.68
CA GLU C 31 27.53 -11.31 -4.03
C GLU C 31 26.48 -10.83 -5.02
N TYR C 32 26.02 -9.59 -4.86
CA TYR C 32 24.95 -9.05 -5.69
C TYR C 32 25.01 -7.53 -5.82
N GLU C 33 24.18 -6.99 -6.72
CA GLU C 33 24.07 -5.55 -6.92
C GLU C 33 22.97 -4.96 -6.05
N ALA C 34 23.37 -4.22 -5.03
CA ALA C 34 22.43 -3.66 -4.06
C ALA C 34 22.05 -2.21 -4.38
N TYR C 35 22.91 -1.54 -5.16
CA TYR C 35 22.75 -0.13 -5.50
C TYR C 35 22.81 0.77 -4.26
N GLU C 36 22.93 2.08 -4.49
CA GLU C 36 23.09 3.04 -3.41
C GLU C 36 22.53 4.39 -3.83
N CYS C 37 21.96 5.12 -2.88
CA CYS C 37 21.47 6.47 -3.16
C CYS C 37 22.49 7.50 -2.70
N LYS C 38 23.26 8.03 -3.64
CA LYS C 38 24.26 9.04 -3.33
C LYS C 38 23.76 10.42 -3.76
N GLY C 39 24.33 11.45 -3.15
CA GLY C 39 23.94 12.82 -3.48
C GLY C 39 23.19 13.50 -2.36
N GLY C 40 22.88 14.78 -2.56
CA GLY C 40 22.18 15.54 -1.56
C GLY C 40 20.88 16.13 -2.06
N CYS C 41 19.98 16.43 -1.14
CA CYS C 41 18.69 17.01 -1.49
C CYS C 41 18.72 18.52 -1.39
N PHE C 42 19.29 19.15 -2.42
CA PHE C 42 19.47 20.60 -2.44
C PHE C 42 18.29 21.30 -3.08
N PHE C 43 17.98 22.50 -2.59
CA PHE C 43 16.96 23.35 -3.17
C PHE C 43 17.35 23.76 -4.59
N PRO C 44 16.40 23.69 -5.54
CA PRO C 44 15.05 23.18 -5.31
C PRO C 44 14.93 21.68 -5.56
N LEU C 45 14.00 21.02 -4.89
CA LEU C 45 13.77 19.60 -5.06
C LEU C 45 12.88 19.35 -6.26
N ALA C 46 13.44 18.74 -7.31
CA ALA C 46 12.70 18.50 -8.54
C ALA C 46 11.84 17.25 -8.44
N ASP C 47 11.05 17.01 -9.47
CA ASP C 47 10.15 15.86 -9.53
C ASP C 47 10.88 14.51 -9.52
N ASP C 48 12.12 14.52 -10.01
CA ASP C 48 12.85 13.27 -10.22
C ASP C 48 13.31 12.60 -8.93
N VAL C 49 13.00 13.22 -7.78
CA VAL C 49 13.27 12.61 -6.49
C VAL C 49 11.97 12.43 -5.72
N THR C 50 10.86 12.70 -6.40
CA THR C 50 9.52 12.56 -5.83
C THR C 50 9.40 13.10 -4.41
N PRO C 51 9.66 14.39 -4.22
CA PRO C 51 9.65 14.95 -2.86
C PRO C 51 8.27 14.97 -2.23
N THR C 52 8.22 14.77 -0.92
CA THR C 52 6.97 14.88 -0.18
C THR C 52 6.82 16.31 0.32
N LYS C 53 5.62 16.66 0.77
CA LYS C 53 5.36 18.02 1.23
C LYS C 53 6.22 18.38 2.42
N HIS C 54 6.47 17.41 3.30
CA HIS C 54 7.32 17.65 4.47
C HIS C 54 8.76 17.88 4.03
N ALA C 55 9.20 17.13 3.03
CA ALA C 55 10.54 17.29 2.48
C ALA C 55 10.70 18.68 1.87
N ILE C 56 9.64 19.16 1.22
CA ILE C 56 9.63 20.49 0.62
C ILE C 56 9.63 21.55 1.71
N VAL C 57 8.78 21.36 2.72
CA VAL C 57 8.72 22.28 3.86
C VAL C 57 10.07 22.38 4.55
N GLN C 58 10.63 21.24 4.94
CA GLN C 58 11.89 21.20 5.67
C GLN C 58 13.02 21.85 4.89
N THR C 59 13.03 21.62 3.57
CA THR C 59 14.02 22.23 2.69
C THR C 59 13.91 23.76 2.75
N LEU C 60 12.68 24.26 2.70
CA LEU C 60 12.45 25.70 2.76
C LEU C 60 12.81 26.25 4.13
N VAL C 61 12.64 25.42 5.16
CA VAL C 61 13.03 25.80 6.52
C VAL C 61 14.56 25.84 6.60
N HIS C 62 15.20 24.89 5.92
CA HIS C 62 16.67 24.82 5.87
C HIS C 62 17.26 26.09 5.29
N LEU C 63 16.64 26.60 4.23
CA LEU C 63 17.09 27.85 3.63
C LEU C 63 17.00 28.99 4.64
N LYS C 64 15.95 28.97 5.46
CA LYS C 64 15.71 30.02 6.43
C LYS C 64 16.57 29.84 7.68
N PHE C 65 16.66 28.61 8.17
CA PHE C 65 17.46 28.32 9.36
C PHE C 65 18.40 27.14 9.14
N PRO C 66 19.50 27.36 8.39
CA PRO C 66 20.44 26.29 8.03
C PRO C 66 21.28 25.77 9.19
N THR C 67 21.33 26.52 10.29
CA THR C 67 22.13 26.11 11.44
C THR C 67 21.32 25.27 12.43
N LYS C 68 20.00 25.33 12.32
CA LYS C 68 19.12 24.64 13.26
C LYS C 68 18.37 23.48 12.61
N VAL C 69 18.06 23.61 11.33
CA VAL C 69 17.26 22.60 10.64
C VAL C 69 18.00 22.09 9.41
N GLY C 70 18.12 20.77 9.31
CA GLY C 70 18.80 20.14 8.20
C GLY C 70 17.93 19.86 6.98
N LYS C 71 18.59 19.63 5.85
CA LYS C 71 17.89 19.34 4.60
C LYS C 71 17.35 17.91 4.59
N ALA C 72 16.54 17.61 3.58
CA ALA C 72 16.00 16.26 3.41
C ALA C 72 17.11 15.29 3.04
N CYS C 73 16.93 14.02 3.39
CA CYS C 73 17.95 13.00 3.12
C CYS C 73 17.63 12.23 1.84
N CYS C 74 18.68 11.87 1.12
CA CYS C 74 18.54 11.09 -0.12
C CYS C 74 18.46 9.60 0.19
N VAL C 75 17.25 9.04 0.10
CA VAL C 75 17.02 7.66 0.49
C VAL C 75 16.31 6.86 -0.61
N PRO C 76 16.46 5.52 -0.57
CA PRO C 76 15.72 4.64 -1.49
C PRO C 76 14.21 4.75 -1.33
N THR C 77 13.51 5.03 -2.42
CA THR C 77 12.06 5.17 -2.39
C THR C 77 11.39 3.83 -2.66
N LYS C 78 11.81 3.16 -3.72
CA LYS C 78 11.34 1.81 -4.02
C LYS C 78 12.49 0.81 -3.91
N LEU C 79 12.17 -0.40 -3.45
CA LEU C 79 13.17 -1.46 -3.33
C LEU C 79 12.76 -2.69 -4.14
N SER C 80 13.73 -3.32 -4.78
CA SER C 80 13.47 -4.47 -5.62
C SER C 80 14.02 -5.76 -5.01
N PRO C 81 13.26 -6.86 -5.11
CA PRO C 81 13.68 -8.16 -4.59
C PRO C 81 14.74 -8.84 -5.45
N ILE C 82 15.43 -9.82 -4.86
CA ILE C 82 16.38 -10.66 -5.60
C ILE C 82 16.12 -12.12 -5.24
N SER C 83 16.74 -13.04 -5.98
CA SER C 83 16.63 -14.46 -5.68
C SER C 83 17.71 -14.88 -4.69
N VAL C 84 17.29 -15.43 -3.56
CA VAL C 84 18.23 -15.80 -2.50
C VAL C 84 17.99 -17.21 -1.98
N LEU C 85 19.06 -18.02 -1.96
CA LEU C 85 19.04 -19.33 -1.31
C LEU C 85 19.81 -19.24 0.00
N TYR C 86 19.15 -19.60 1.10
CA TYR C 86 19.76 -19.45 2.42
C TYR C 86 19.27 -20.49 3.42
N LYS C 87 19.85 -20.45 4.62
CA LYS C 87 19.45 -21.34 5.71
C LYS C 87 18.60 -20.59 6.74
N ASP C 88 17.51 -21.23 7.17
CA ASP C 88 16.65 -20.64 8.21
C ASP C 88 17.38 -20.58 9.54
N ASP C 89 16.74 -19.95 10.52
CA ASP C 89 17.27 -19.90 11.88
C ASP C 89 17.37 -21.31 12.47
N MET C 90 16.52 -22.20 11.98
CA MET C 90 16.54 -23.60 12.41
C MET C 90 17.43 -24.44 11.51
N GLY C 91 18.07 -23.78 10.54
CA GLY C 91 18.97 -24.46 9.63
C GLY C 91 18.29 -25.00 8.38
N VAL C 92 16.99 -24.71 8.25
CA VAL C 92 16.21 -25.18 7.10
C VAL C 92 16.58 -24.41 5.84
N PRO C 93 17.05 -25.14 4.80
CA PRO C 93 17.37 -24.55 3.51
C PRO C 93 16.16 -23.88 2.86
N THR C 94 16.26 -22.59 2.58
CA THR C 94 15.14 -21.84 2.03
C THR C 94 15.51 -21.10 0.74
N LEU C 95 14.71 -21.30 -0.30
CA LEU C 95 14.90 -20.60 -1.57
C LEU C 95 13.74 -19.66 -1.82
N LYS C 96 14.05 -18.38 -1.98
CA LYS C 96 13.01 -17.38 -2.25
C LYS C 96 13.31 -16.61 -3.53
N TYR C 97 12.46 -16.84 -4.54
CA TYR C 97 12.60 -16.20 -5.83
C TYR C 97 12.52 -14.67 -5.71
N HIS C 98 11.59 -14.21 -4.89
CA HIS C 98 11.49 -12.78 -4.60
C HIS C 98 11.80 -12.50 -3.12
N TYR C 99 13.05 -12.15 -2.85
CA TYR C 99 13.46 -11.76 -1.52
C TYR C 99 13.43 -10.23 -1.42
N GLU C 100 12.30 -9.70 -0.97
CA GLU C 100 11.99 -8.28 -1.09
C GLU C 100 12.92 -7.35 -0.31
N GLY C 101 13.21 -6.20 -0.90
CA GLY C 101 13.95 -5.15 -0.22
C GLY C 101 15.46 -5.27 -0.21
N MET C 102 16.02 -5.91 -1.23
CA MET C 102 17.46 -6.15 -1.27
C MET C 102 18.22 -5.11 -2.11
N SER C 103 17.58 -4.58 -3.14
CA SER C 103 18.25 -3.61 -4.01
C SER C 103 17.38 -2.37 -4.24
N VAL C 104 18.04 -1.25 -4.51
CA VAL C 104 17.35 0.02 -4.70
C VAL C 104 16.74 0.11 -6.10
N ALA C 105 15.45 0.42 -6.16
CA ALA C 105 14.77 0.62 -7.43
C ALA C 105 14.76 2.10 -7.78
N GLU C 106 14.31 2.93 -6.82
CA GLU C 106 14.28 4.37 -7.01
C GLU C 106 14.84 5.08 -5.79
N CYS C 107 15.40 6.28 -6.00
CA CYS C 107 15.88 7.10 -4.90
C CYS C 107 15.01 8.34 -4.79
N GLY C 108 15.04 9.00 -3.63
CA GLY C 108 14.21 10.16 -3.40
C GLY C 108 14.56 10.99 -2.18
N CYS C 109 13.93 12.14 -2.06
CA CYS C 109 14.17 13.03 -0.93
C CYS C 109 13.03 12.99 0.09
N ARG C 110 13.39 12.76 1.35
CA ARG C 110 12.41 12.63 2.42
C ARG C 110 12.85 13.42 3.66
N SER D 6 23.76 8.61 18.15
CA SER D 6 22.45 8.94 18.70
C SER D 6 21.44 7.83 18.40
N HIS D 7 20.19 8.23 18.21
CA HIS D 7 19.12 7.30 17.91
C HIS D 7 18.13 7.98 17.00
N CYS D 8 17.80 7.33 15.87
CA CYS D 8 16.83 7.87 14.93
C CYS D 8 15.49 8.08 15.62
N GLN D 9 15.11 9.34 15.79
CA GLN D 9 13.90 9.66 16.54
C GLN D 9 13.23 10.95 16.07
N LYS D 10 11.94 11.06 16.33
CA LYS D 10 11.17 12.24 15.99
C LYS D 10 11.41 13.37 16.99
N THR D 11 11.69 14.56 16.48
CA THR D 11 11.87 15.73 17.32
C THR D 11 10.87 16.81 16.93
N SER D 12 10.75 17.84 17.75
CA SER D 12 9.79 18.90 17.49
C SER D 12 10.29 19.86 16.41
N LEU D 13 9.37 20.42 15.65
CA LEU D 13 9.70 21.39 14.61
C LEU D 13 8.48 22.22 14.25
N ARG D 14 8.45 23.46 14.73
CA ARG D 14 7.36 24.39 14.43
C ARG D 14 7.67 25.14 13.14
N VAL D 15 6.69 25.18 12.23
CA VAL D 15 6.92 25.82 10.94
C VAL D 15 5.98 27.01 10.75
N ASN D 16 6.55 28.20 10.76
CA ASN D 16 5.81 29.41 10.46
C ASN D 16 5.83 29.67 8.96
N PHE D 17 4.65 29.74 8.35
CA PHE D 17 4.54 29.86 6.90
C PHE D 17 5.06 31.21 6.40
N GLU D 18 5.08 32.20 7.28
CA GLU D 18 5.63 33.52 6.93
C GLU D 18 7.12 33.41 6.68
N ASP D 19 7.78 32.56 7.45
CA ASP D 19 9.23 32.38 7.36
C ASP D 19 9.66 31.74 6.03
N ILE D 20 8.82 30.86 5.51
CA ILE D 20 9.14 30.16 4.27
C ILE D 20 8.45 30.81 3.08
N GLY D 21 7.57 31.76 3.35
CA GLY D 21 6.92 32.50 2.28
C GLY D 21 5.61 31.91 1.80
N TRP D 22 5.14 30.88 2.50
CA TRP D 22 3.90 30.21 2.12
C TRP D 22 2.67 30.93 2.67
N ASP D 23 2.88 32.09 3.28
CA ASP D 23 1.78 32.92 3.76
C ASP D 23 1.06 33.56 2.57
N SER D 24 1.68 33.47 1.40
CA SER D 24 1.14 34.05 0.18
C SER D 24 -0.05 33.26 -0.37
N TRP D 25 -0.26 32.05 0.13
CA TRP D 25 -1.34 31.21 -0.36
C TRP D 25 -2.01 30.41 0.75
N ILE D 26 -1.27 30.13 1.82
CA ILE D 26 -1.86 29.44 2.97
C ILE D 26 -2.63 30.43 3.82
N ILE D 27 -3.94 30.26 3.88
CA ILE D 27 -4.78 31.13 4.68
C ILE D 27 -4.77 30.67 6.13
N ALA D 28 -4.81 29.35 6.31
CA ALA D 28 -4.77 28.76 7.64
C ALA D 28 -4.16 27.36 7.59
N PRO D 29 -3.40 26.97 8.62
CA PRO D 29 -3.09 27.82 9.78
C PRO D 29 -1.88 28.71 9.52
N LYS D 30 -1.50 29.51 10.50
CA LYS D 30 -0.37 30.42 10.34
C LYS D 30 0.95 29.70 10.63
N GLU D 31 0.88 28.69 11.50
CA GLU D 31 2.04 27.88 11.85
C GLU D 31 1.58 26.54 12.42
N TYR D 32 2.36 25.50 12.19
CA TYR D 32 1.98 24.16 12.64
C TYR D 32 3.19 23.32 13.01
N GLU D 33 2.92 22.17 13.63
CA GLU D 33 3.97 21.26 14.05
C GLU D 33 4.24 20.22 12.96
N ALA D 34 5.39 20.33 12.31
CA ALA D 34 5.74 19.45 11.21
C ALA D 34 6.61 18.29 11.67
N TYR D 35 7.24 18.45 12.83
CA TYR D 35 8.17 17.48 13.39
C TYR D 35 9.39 17.25 12.49
N GLU D 36 10.39 16.56 13.03
CA GLU D 36 11.63 16.34 12.32
C GLU D 36 12.28 15.03 12.78
N CYS D 37 12.95 14.34 11.87
CA CYS D 37 13.66 13.12 12.20
C CYS D 37 15.16 13.39 12.38
N LYS D 38 15.59 13.52 13.62
CA LYS D 38 17.00 13.74 13.93
C LYS D 38 17.65 12.46 14.45
N GLY D 39 18.98 12.40 14.35
CA GLY D 39 19.72 11.25 14.81
C GLY D 39 20.34 10.48 13.67
N GLY D 40 21.11 9.45 13.99
CA GLY D 40 21.77 8.66 12.99
C GLY D 40 21.42 7.19 13.07
N CYS D 41 21.58 6.50 11.95
CA CYS D 41 21.28 5.07 11.88
C CYS D 41 22.52 4.23 12.12
N PHE D 42 22.88 4.10 13.39
CA PHE D 42 24.08 3.38 13.80
C PHE D 42 23.77 1.92 14.09
N PHE D 43 24.74 1.06 13.82
CA PHE D 43 24.65 -0.36 14.14
C PHE D 43 24.54 -0.59 15.63
N PRO D 44 23.63 -1.49 16.05
CA PRO D 44 22.69 -2.21 15.19
C PRO D 44 21.35 -1.50 15.03
N LEU D 45 20.69 -1.71 13.90
CA LEU D 45 19.37 -1.12 13.67
C LEU D 45 18.28 -1.99 14.30
N ALA D 46 17.64 -1.47 15.34
CA ALA D 46 16.62 -2.20 16.08
C ALA D 46 15.26 -2.12 15.40
N ASP D 47 14.27 -2.83 15.97
CA ASP D 47 12.92 -2.84 15.42
C ASP D 47 12.27 -1.47 15.44
N ASP D 48 12.68 -0.63 16.38
CA ASP D 48 12.01 0.65 16.62
C ASP D 48 12.30 1.71 15.54
N VAL D 49 13.08 1.36 14.54
CA VAL D 49 13.30 2.26 13.41
C VAL D 49 12.86 1.60 12.11
N THR D 50 12.20 0.44 12.25
CA THR D 50 11.67 -0.33 11.12
C THR D 50 12.64 -0.41 9.93
N PRO D 51 13.84 -0.98 10.14
CA PRO D 51 14.85 -0.99 9.09
C PRO D 51 14.47 -1.89 7.92
N THR D 52 14.87 -1.52 6.71
CA THR D 52 14.69 -2.38 5.56
C THR D 52 15.92 -3.25 5.41
N LYS D 53 15.82 -4.30 4.59
CA LYS D 53 16.93 -5.22 4.39
C LYS D 53 18.12 -4.51 3.77
N HIS D 54 17.83 -3.56 2.88
CA HIS D 54 18.88 -2.77 2.24
C HIS D 54 19.57 -1.86 3.25
N ALA D 55 18.79 -1.30 4.17
CA ALA D 55 19.33 -0.46 5.23
C ALA D 55 20.29 -1.24 6.12
N ILE D 56 19.94 -2.49 6.38
CA ILE D 56 20.77 -3.37 7.19
C ILE D 56 22.04 -3.71 6.43
N VAL D 57 21.89 -4.07 5.15
CA VAL D 57 23.02 -4.37 4.29
C VAL D 57 23.97 -3.19 4.23
N GLN D 58 23.44 -2.02 3.89
CA GLN D 58 24.24 -0.81 3.71
C GLN D 58 24.97 -0.42 4.99
N THR D 59 24.29 -0.60 6.13
CA THR D 59 24.90 -0.33 7.42
C THR D 59 26.12 -1.20 7.67
N LEU D 60 25.98 -2.49 7.37
CA LEU D 60 27.08 -3.45 7.55
C LEU D 60 28.23 -3.18 6.59
N VAL D 61 27.90 -2.67 5.41
CA VAL D 61 28.92 -2.32 4.42
C VAL D 61 29.69 -1.09 4.87
N HIS D 62 28.99 -0.13 5.46
CA HIS D 62 29.64 1.08 5.96
C HIS D 62 30.69 0.74 7.00
N LEU D 63 30.36 -0.18 7.90
CA LEU D 63 31.31 -0.63 8.93
C LEU D 63 32.53 -1.27 8.27
N LYS D 64 32.30 -1.99 7.18
CA LYS D 64 33.38 -2.67 6.47
C LYS D 64 34.12 -1.71 5.55
N PHE D 65 33.38 -0.86 4.84
CA PHE D 65 33.98 0.10 3.92
C PHE D 65 33.45 1.51 4.15
N PRO D 66 33.95 2.17 5.22
CA PRO D 66 33.48 3.51 5.60
C PRO D 66 33.92 4.59 4.62
N THR D 67 34.85 4.27 3.75
CA THR D 67 35.35 5.23 2.77
C THR D 67 34.54 5.21 1.49
N LYS D 68 33.78 4.13 1.28
CA LYS D 68 33.05 3.96 0.03
C LYS D 68 31.53 4.05 0.20
N VAL D 69 31.02 3.59 1.33
CA VAL D 69 29.57 3.50 1.54
C VAL D 69 29.12 4.20 2.82
N GLY D 70 28.11 5.06 2.68
CA GLY D 70 27.55 5.75 3.83
C GLY D 70 26.49 4.94 4.55
N LYS D 71 26.19 5.32 5.78
CA LYS D 71 25.18 4.63 6.57
C LYS D 71 23.79 5.00 6.09
N ALA D 72 22.78 4.27 6.57
CA ALA D 72 21.40 4.57 6.24
C ALA D 72 21.00 5.91 6.85
N CYS D 73 20.04 6.60 6.22
CA CYS D 73 19.61 7.91 6.71
C CYS D 73 18.33 7.81 7.54
N CYS D 74 18.26 8.65 8.57
CA CYS D 74 17.09 8.71 9.43
C CYS D 74 16.04 9.63 8.81
N VAL D 75 14.99 9.04 8.25
CA VAL D 75 13.98 9.80 7.50
C VAL D 75 12.58 9.49 8.00
N PRO D 76 11.63 10.40 7.75
CA PRO D 76 10.22 10.14 8.06
C PRO D 76 9.68 8.93 7.30
N THR D 77 9.17 7.96 8.04
CA THR D 77 8.63 6.74 7.45
C THR D 77 7.13 6.89 7.18
N LYS D 78 6.39 7.34 8.18
CA LYS D 78 4.98 7.65 8.03
C LYS D 78 4.74 9.15 8.18
N LEU D 79 3.80 9.69 7.40
CA LEU D 79 3.47 11.11 7.49
C LEU D 79 1.98 11.31 7.80
N SER D 80 1.69 12.32 8.62
CA SER D 80 0.33 12.61 9.01
C SER D 80 -0.16 13.92 8.39
N PRO D 81 -1.41 13.95 7.92
CA PRO D 81 -2.03 15.13 7.32
C PRO D 81 -2.45 16.18 8.35
N ILE D 82 -2.67 17.41 7.89
CA ILE D 82 -3.22 18.47 8.73
C ILE D 82 -4.35 19.16 7.98
N SER D 83 -5.11 19.99 8.69
CA SER D 83 -6.18 20.76 8.07
C SER D 83 -5.63 22.08 7.53
N VAL D 84 -5.82 22.32 6.23
CA VAL D 84 -5.26 23.50 5.59
C VAL D 84 -6.29 24.25 4.76
N LEU D 85 -6.40 25.56 5.02
CA LEU D 85 -7.18 26.46 4.18
C LEU D 85 -6.23 27.29 3.33
N TYR D 86 -6.42 27.24 2.01
CA TYR D 86 -5.49 27.91 1.10
C TYR D 86 -6.18 28.36 -0.18
N LYS D 87 -5.43 29.05 -1.02
CA LYS D 87 -5.92 29.50 -2.32
C LYS D 87 -5.40 28.62 -3.44
N ASP D 88 -6.28 28.22 -4.35
CA ASP D 88 -5.91 27.42 -5.51
C ASP D 88 -5.00 28.22 -6.45
N ASP D 89 -4.48 27.56 -7.47
CA ASP D 89 -3.67 28.23 -8.49
C ASP D 89 -4.50 29.28 -9.23
N MET D 90 -5.82 29.06 -9.27
CA MET D 90 -6.73 29.99 -9.91
C MET D 90 -7.27 31.00 -8.90
N GLY D 91 -6.79 30.91 -7.66
CA GLY D 91 -7.21 31.81 -6.61
C GLY D 91 -8.43 31.31 -5.86
N VAL D 92 -8.89 30.12 -6.21
CA VAL D 92 -10.06 29.52 -5.58
C VAL D 92 -9.75 29.09 -4.16
N PRO D 93 -10.47 29.65 -3.18
CA PRO D 93 -10.30 29.24 -1.78
C PRO D 93 -10.58 27.76 -1.60
N THR D 94 -9.60 27.01 -1.12
CA THR D 94 -9.74 25.57 -0.96
C THR D 94 -9.46 25.14 0.47
N LEU D 95 -10.39 24.39 1.06
CA LEU D 95 -10.22 23.86 2.40
C LEU D 95 -10.10 22.34 2.38
N LYS D 96 -9.01 21.82 2.91
CA LYS D 96 -8.80 20.38 2.97
C LYS D 96 -8.58 19.90 4.40
N TYR D 97 -9.54 19.14 4.90
CA TYR D 97 -9.49 18.58 6.24
C TYR D 97 -8.25 17.70 6.41
N HIS D 98 -7.98 16.89 5.39
CA HIS D 98 -6.77 16.08 5.37
C HIS D 98 -5.83 16.49 4.25
N TYR D 99 -4.86 17.35 4.59
CA TYR D 99 -3.82 17.76 3.65
C TYR D 99 -2.61 16.88 3.88
N GLU D 100 -2.53 15.79 3.13
CA GLU D 100 -1.60 14.69 3.41
C GLU D 100 -0.13 15.08 3.32
N GLY D 101 0.68 14.50 4.20
CA GLY D 101 2.13 14.62 4.14
C GLY D 101 2.74 15.87 4.72
N MET D 102 2.10 16.46 5.72
CA MET D 102 2.58 17.71 6.29
C MET D 102 3.41 17.53 7.55
N SER D 103 3.12 16.50 8.34
CA SER D 103 3.84 16.28 9.59
C SER D 103 4.32 14.84 9.74
N VAL D 104 5.41 14.66 10.48
CA VAL D 104 6.02 13.35 10.66
C VAL D 104 5.27 12.52 11.69
N ALA D 105 4.89 11.30 11.30
CA ALA D 105 4.24 10.37 12.22
C ALA D 105 5.28 9.43 12.83
N GLU D 106 6.09 8.81 11.98
CA GLU D 106 7.14 7.91 12.42
C GLU D 106 8.46 8.20 11.70
N CYS D 107 9.57 7.87 12.35
CA CYS D 107 10.89 8.00 11.73
C CYS D 107 11.48 6.62 11.53
N GLY D 108 12.47 6.50 10.65
CA GLY D 108 13.06 5.20 10.36
C GLY D 108 14.36 5.25 9.59
N CYS D 109 15.01 4.10 9.46
CA CYS D 109 16.28 4.01 8.75
C CYS D 109 16.13 3.40 7.36
N ARG D 110 16.64 4.11 6.37
CA ARG D 110 16.51 3.70 4.98
C ARG D 110 17.83 3.85 4.23
C1 NAG E . -12.67 30.16 -15.97
C2 NAG E . -11.85 31.27 -16.60
C3 NAG E . -11.14 30.76 -17.85
C4 NAG E . -10.34 29.50 -17.53
C5 NAG E . -11.19 28.48 -16.77
C6 NAG E . -10.40 27.30 -16.26
C7 NAG E . -12.59 33.59 -16.30
C8 NAG E . -13.54 34.66 -16.77
N2 NAG E . -12.69 32.42 -16.93
O3 NAG E . -10.27 31.79 -18.33
O4 NAG E . -9.93 28.87 -18.74
O5 NAG E . -11.82 29.08 -15.63
O6 NAG E . -10.95 26.06 -16.70
O7 NAG E . -11.79 33.79 -15.39
C1 NAG E . -8.63 29.32 -19.17
C2 NAG E . -7.89 28.15 -19.81
C3 NAG E . -6.54 28.61 -20.37
C4 NAG E . -6.73 29.78 -21.31
C5 NAG E . -7.51 30.90 -20.61
C6 NAG E . -7.83 32.05 -21.52
C7 NAG E . -8.28 25.87 -18.98
C8 NAG E . -7.98 24.88 -17.90
N2 NAG E . -7.70 27.07 -18.85
O3 NAG E . -5.92 27.53 -21.05
O4 NAG E . -5.47 30.28 -21.73
O5 NAG E . -8.76 30.38 -20.13
O6 NAG E . -6.80 32.28 -22.48
O7 NAG E . -9.01 25.60 -19.93
C1 NAG F . 11.79 -29.83 15.11
C2 NAG F . 12.98 -29.54 16.03
C3 NAG F . 12.61 -28.50 17.09
C4 NAG F . 12.00 -27.27 16.45
C5 NAG F . 10.84 -27.66 15.56
C6 NAG F . 10.23 -26.50 14.81
C7 NAG F . 14.51 -31.47 16.25
C8 NAG F . 14.84 -32.70 17.03
N2 NAG F . 13.45 -30.77 16.66
O3 NAG F . 13.78 -28.15 17.83
O4 NAG F . 11.53 -26.37 17.46
O5 NAG F . 11.30 -28.60 14.57
O6 NAG F . 9.17 -25.91 15.54
O7 NAG F . 15.18 -31.11 15.27
ZN ZN G . 14.56 -63.77 -12.98
ZN ZN H . 6.07 -17.83 6.30
ZN ZN I . 3.21 -51.24 -11.67
ZN ZN J . 6.48 -55.95 -13.47
ZN ZN K . 4.24 -69.74 3.95
ZN ZN L . -40.22 52.08 -1.57
ZN ZN M . -43.86 30.61 0.78
ZN ZN N . -9.09 17.01 -7.41
ZN ZN O . 7.83 -9.18 -5.43
ZN ZN P . 22.03 23.11 2.57
#